data_4PCD
#
_entry.id   4PCD
#
_cell.length_a   52.375
_cell.length_b   73.260
_cell.length_c   75.889
_cell.angle_alpha   90.000
_cell.angle_beta   90.000
_cell.angle_gamma   90.000
#
_symmetry.space_group_name_H-M   'P 21 21 21'
#
loop_
_entity.id
_entity.type
_entity.pdbx_description
1 polymer 'C4-dicarboxylate transport system, substrate-binding protein, putative'
2 non-polymer 'L-galactonic acid'
3 water water
#
_entity_poly.entity_id   1
_entity_poly.type   'polypeptide(L)'
_entity_poly.pdbx_seq_one_letter_code
;(MSE)HHHHHHSSGVDLGTENLYFQS(MSE)QE(MSE)TLKLGHLANEQNAWHLAAVKFGEELSTLTDGRIAVEVFPNES
LGKEIDLING(MSE)QLGTVD(MSE)TITGESLQNWAP(MSE)AALLAVPYAYKSLEH(MSE)DEVASGEIGEQIKQQII
EKAQVRPIAFFARGPRNLTSQRPITSPADLDG(MSE)K(MSE)RVPNVPLFVDVWSALGASPTP(MSE)AFSEVFTSLQN
GVIDGQENPLALIRSANFNEVQGYVNQTEHVRSWIYLTIAESTWAKLSEDDQNAV(MSE)QAAATAQEYERGLLLESLAE
DRGYLESKG(MSE)TFVEVDGAAFQAAAKDAVLANVSEEIRPIVESLFSE
;
_entity_poly.pdbx_strand_id   A
#
# COMPACT_ATOMS: atom_id res chain seq x y z
N SER A 22 -27.86 -20.47 7.30
CA SER A 22 -29.20 -20.51 6.72
C SER A 22 -29.19 -20.02 5.27
N GLN A 24 -27.96 -17.71 2.16
CA GLN A 24 -26.82 -16.93 1.74
C GLN A 24 -27.26 -16.07 0.58
N GLU A 25 -27.22 -14.76 0.77
CA GLU A 25 -27.74 -13.83 -0.21
C GLU A 25 -26.66 -13.40 -1.19
N THR A 27 -22.06 -13.27 -2.08
CA THR A 27 -20.67 -13.54 -1.77
C THR A 27 -19.84 -12.44 -2.37
N LEU A 28 -19.15 -11.70 -1.51
CA LEU A 28 -18.30 -10.60 -1.93
C LEU A 28 -16.91 -11.12 -2.26
N LYS A 29 -16.40 -10.79 -3.44
CA LYS A 29 -15.04 -11.17 -3.79
C LYS A 29 -14.06 -10.06 -3.41
N LEU A 30 -13.06 -10.42 -2.64
CA LEU A 30 -12.05 -9.48 -2.13
C LEU A 30 -10.68 -9.92 -2.61
N GLY A 31 -10.02 -9.09 -3.42
CA GLY A 31 -8.68 -9.42 -3.90
C GLY A 31 -7.59 -8.57 -3.27
N HIS A 32 -6.42 -9.16 -3.09
CA HIS A 32 -5.26 -8.39 -2.67
C HIS A 32 -3.99 -9.07 -3.14
N LEU A 33 -2.85 -8.41 -2.95
CA LEU A 33 -1.63 -8.85 -3.59
C LEU A 33 -0.70 -9.64 -2.69
N ALA A 34 -0.99 -9.66 -1.40
CA ALA A 34 -0.16 -10.40 -0.44
C ALA A 34 -0.41 -11.91 -0.40
N ASN A 35 0.52 -12.62 0.24
CA ASN A 35 0.34 -14.06 0.41
C ASN A 35 -0.42 -14.38 1.69
N GLU A 36 -0.57 -15.68 1.95
CA GLU A 36 -1.52 -16.11 2.97
C GLU A 36 -0.98 -15.98 4.39
N GLN A 37 0.29 -15.64 4.55
CA GLN A 37 0.85 -15.37 5.88
C GLN A 37 0.87 -13.89 6.23
N ASN A 38 0.56 -13.04 5.25
CA ASN A 38 0.70 -11.61 5.42
C ASN A 38 -0.48 -11.04 6.21
N ALA A 39 -0.22 -10.01 7.02
CA ALA A 39 -1.24 -9.38 7.84
C ALA A 39 -2.52 -9.05 7.08
N TRP A 40 -2.38 -8.55 5.86
CA TRP A 40 -3.56 -8.17 5.08
C TRP A 40 -4.47 -9.36 4.79
N HIS A 41 -3.89 -10.52 4.52
CA HIS A 41 -4.68 -11.69 4.23
C HIS A 41 -5.44 -12.14 5.47
N LEU A 42 -4.73 -12.19 6.59
CA LEU A 42 -5.35 -12.61 7.82
C LEU A 42 -6.48 -11.63 8.20
N ALA A 43 -6.25 -10.35 7.95
CA ALA A 43 -7.23 -9.32 8.23
C ALA A 43 -8.44 -9.46 7.33
N ALA A 44 -8.21 -9.80 6.05
CA ALA A 44 -9.31 -9.99 5.10
C ALA A 44 -10.16 -11.20 5.52
N VAL A 45 -9.51 -12.28 5.94
CA VAL A 45 -10.22 -13.44 6.46
C VAL A 45 -11.03 -13.09 7.70
N LYS A 46 -10.44 -12.31 8.58
CA LYS A 46 -11.13 -11.88 9.80
C LYS A 46 -12.35 -11.03 9.46
N PHE A 47 -12.19 -10.08 8.54
CA PHE A 47 -13.31 -9.28 8.04
C PHE A 47 -14.44 -10.20 7.59
N GLY A 48 -14.12 -11.19 6.77
CA GLY A 48 -15.14 -12.12 6.27
C GLY A 48 -15.83 -12.90 7.38
N GLU A 49 -15.04 -13.35 8.35
CA GLU A 49 -15.63 -14.06 9.48
C GLU A 49 -16.61 -13.18 10.26
N GLU A 50 -16.20 -11.95 10.55
CA GLU A 50 -17.04 -11.08 11.33
C GLU A 50 -18.31 -10.72 10.56
N LEU A 51 -18.18 -10.46 9.28
CA LEU A 51 -19.32 -10.03 8.48
C LEU A 51 -20.33 -11.17 8.37
N SER A 52 -19.82 -12.38 8.23
CA SER A 52 -20.68 -13.56 8.23
C SER A 52 -21.47 -13.69 9.54
N THR A 53 -20.76 -13.60 10.66
CA THR A 53 -21.41 -13.63 11.96
C THR A 53 -22.47 -12.53 12.10
N LEU A 54 -22.11 -11.31 11.76
CA LEU A 54 -23.02 -10.18 11.92
C LEU A 54 -24.25 -10.28 11.04
N THR A 55 -24.17 -11.03 9.95
CA THR A 55 -25.28 -11.12 9.01
C THR A 55 -25.94 -12.50 9.01
N ASP A 56 -25.63 -13.28 10.05
CA ASP A 56 -26.15 -14.64 10.17
C ASP A 56 -25.87 -15.48 8.92
N GLY A 57 -24.73 -15.22 8.29
CA GLY A 57 -24.32 -15.96 7.11
C GLY A 57 -24.89 -15.46 5.80
N ARG A 58 -25.69 -14.40 5.83
CA ARG A 58 -26.28 -13.90 4.61
C ARG A 58 -25.24 -13.33 3.66
N ILE A 59 -24.18 -12.76 4.22
CA ILE A 59 -23.13 -12.18 3.38
C ILE A 59 -21.82 -12.90 3.65
N ALA A 60 -21.32 -13.53 2.60
CA ALA A 60 -20.09 -14.31 2.68
C ALA A 60 -19.00 -13.52 1.95
N VAL A 61 -17.76 -13.77 2.29
CA VAL A 61 -16.64 -13.12 1.63
C VAL A 61 -15.69 -14.20 1.14
N GLU A 62 -15.24 -14.09 -0.10
CA GLU A 62 -14.21 -14.99 -0.64
C GLU A 62 -12.96 -14.17 -0.85
N VAL A 63 -11.85 -14.61 -0.26
CA VAL A 63 -10.61 -13.83 -0.32
C VAL A 63 -9.68 -14.43 -1.36
N PHE A 64 -9.09 -13.59 -2.20
CA PHE A 64 -8.22 -14.00 -3.29
C PHE A 64 -6.87 -13.35 -3.09
N PRO A 65 -5.90 -14.10 -2.56
CA PRO A 65 -4.57 -13.54 -2.37
C PRO A 65 -3.71 -13.59 -3.63
N ASN A 66 -2.49 -13.08 -3.51
CA ASN A 66 -1.47 -13.20 -4.55
C ASN A 66 -1.91 -12.66 -5.92
N GLU A 67 -2.76 -11.63 -5.91
CA GLU A 67 -3.34 -11.05 -7.13
C GLU A 67 -4.07 -12.09 -7.98
N SER A 68 -4.62 -13.12 -7.33
CA SER A 68 -5.28 -14.18 -8.06
C SER A 68 -6.63 -13.75 -8.65
N LEU A 69 -7.23 -12.67 -8.15
CA LEU A 69 -8.48 -12.16 -8.71
C LEU A 69 -8.20 -11.18 -9.83
N GLY A 70 -7.00 -10.59 -9.80
CA GLY A 70 -6.60 -9.62 -10.80
C GLY A 70 -5.54 -8.70 -10.23
N LYS A 71 -4.83 -8.02 -11.11
CA LYS A 71 -3.88 -7.00 -10.69
C LYS A 71 -4.61 -5.79 -10.14
N GLU A 72 -3.95 -5.06 -9.24
CA GLU A 72 -4.58 -3.96 -8.52
C GLU A 72 -5.35 -2.99 -9.43
N ILE A 73 -4.72 -2.49 -10.48
CA ILE A 73 -5.36 -1.48 -11.33
C ILE A 73 -6.59 -2.05 -12.02
N ASP A 74 -6.50 -3.33 -12.39
CA ASP A 74 -7.61 -4.04 -13.01
C ASP A 74 -8.78 -4.29 -12.04
N LEU A 75 -8.47 -4.56 -10.76
CA LEU A 75 -9.52 -4.67 -9.75
C LEU A 75 -10.21 -3.33 -9.55
N ILE A 76 -9.46 -2.23 -9.58
CA ILE A 76 -10.10 -0.93 -9.39
C ILE A 76 -11.07 -0.68 -10.55
N ASN A 77 -10.61 -0.93 -11.77
CA ASN A 77 -11.52 -0.85 -12.90
C ASN A 77 -12.73 -1.80 -12.77
N GLY A 78 -12.50 -3.01 -12.26
CA GLY A 78 -13.57 -3.96 -12.03
C GLY A 78 -14.57 -3.49 -10.98
N GLN A 80 -15.33 -0.42 -10.52
CA GLN A 80 -16.10 0.63 -11.21
C GLN A 80 -17.12 0.03 -12.14
N LEU A 81 -16.76 -1.09 -12.77
CA LEU A 81 -17.62 -1.72 -13.76
C LEU A 81 -18.66 -2.66 -13.15
N GLY A 82 -18.43 -3.07 -11.92
CA GLY A 82 -19.40 -3.89 -11.19
C GLY A 82 -19.04 -5.37 -11.10
N THR A 83 -17.81 -5.72 -11.43
CA THR A 83 -17.42 -7.12 -11.47
C THR A 83 -16.54 -7.59 -10.29
N VAL A 84 -16.07 -6.64 -9.49
CA VAL A 84 -15.24 -6.94 -8.32
C VAL A 84 -15.85 -6.19 -7.13
N ASP A 85 -15.94 -6.82 -5.98
CA ASP A 85 -16.55 -6.15 -4.84
C ASP A 85 -15.61 -5.39 -3.94
N THR A 87 -11.23 -4.68 -2.55
CA THR A 87 -9.80 -4.83 -2.68
C THR A 87 -9.08 -4.04 -1.61
N ILE A 88 -7.79 -4.29 -1.49
CA ILE A 88 -6.91 -3.50 -0.64
C ILE A 88 -6.06 -2.64 -1.57
N THR A 89 -6.27 -1.34 -1.48
CA THR A 89 -5.64 -0.39 -2.38
C THR A 89 -5.41 0.94 -1.68
N GLY A 90 -4.40 1.68 -2.13
CA GLY A 90 -4.06 2.94 -1.49
C GLY A 90 -3.68 3.97 -2.51
N GLU A 91 -2.41 4.36 -2.51
CA GLU A 91 -1.99 5.51 -3.31
C GLU A 91 -2.08 5.32 -4.84
N SER A 92 -2.22 4.09 -5.33
CA SER A 92 -2.53 3.90 -6.77
C SER A 92 -3.89 4.52 -7.13
N LEU A 93 -4.71 4.78 -6.12
CA LEU A 93 -5.95 5.50 -6.37
C LEU A 93 -5.74 6.94 -6.86
N GLN A 94 -4.52 7.45 -6.76
CA GLN A 94 -4.28 8.84 -7.16
C GLN A 94 -4.46 9.04 -8.67
N ASN A 95 -4.46 7.95 -9.43
CA ASN A 95 -4.77 8.01 -10.86
C ASN A 95 -6.22 8.40 -11.13
N TRP A 96 -7.07 8.37 -10.10
CA TRP A 96 -8.44 8.85 -10.21
C TRP A 96 -8.73 10.01 -9.26
N ALA A 97 -8.20 9.90 -8.03
CA ALA A 97 -8.45 10.86 -6.96
C ALA A 97 -7.12 11.39 -6.47
N PRO A 98 -6.73 12.58 -6.96
CA PRO A 98 -5.42 13.12 -6.67
C PRO A 98 -5.08 13.20 -5.17
N ALA A 100 -5.54 11.07 -2.99
CA ALA A 100 -5.05 9.78 -2.50
C ALA A 100 -3.53 9.68 -2.52
N ALA A 101 -2.86 10.61 -3.19
CA ALA A 101 -1.39 10.63 -3.15
C ALA A 101 -0.90 10.88 -1.72
N LEU A 102 -1.75 11.51 -0.91
CA LEU A 102 -1.40 11.77 0.50
C LEU A 102 -1.18 10.52 1.34
N LEU A 103 -1.65 9.37 0.89
CA LEU A 103 -1.44 8.13 1.63
C LEU A 103 0.03 7.77 1.72
N ALA A 104 0.82 8.25 0.78
CA ALA A 104 2.19 7.76 0.61
C ALA A 104 3.12 8.84 0.10
N VAL A 105 3.18 9.95 0.80
CA VAL A 105 4.14 10.99 0.45
C VAL A 105 5.50 10.68 1.08
N PRO A 106 6.57 10.60 0.28
CA PRO A 106 7.88 10.28 0.86
C PRO A 106 8.30 11.23 1.99
N TYR A 107 8.76 10.64 3.09
CA TYR A 107 9.29 11.35 4.23
C TYR A 107 8.29 12.27 4.94
N ALA A 108 6.99 12.09 4.66
CA ALA A 108 5.97 12.95 5.25
C ALA A 108 5.53 12.52 6.64
N TYR A 109 5.30 11.22 6.85
CA TYR A 109 4.71 10.75 8.11
C TYR A 109 5.76 10.10 9.00
N LYS A 110 5.66 10.38 10.30
CA LYS A 110 6.74 10.09 11.24
C LYS A 110 6.58 8.73 11.89
N SER A 111 5.34 8.29 12.00
CA SER A 111 5.01 7.16 12.85
C SER A 111 3.62 6.66 12.53
N LEU A 112 3.29 5.48 13.07
CA LEU A 112 1.96 4.91 12.94
C LEU A 112 0.93 5.84 13.58
N GLU A 113 1.26 6.38 14.74
CA GLU A 113 0.36 7.29 15.44
C GLU A 113 0.06 8.53 14.59
N HIS A 114 1.09 9.07 13.95
CA HIS A 114 0.92 10.26 13.10
C HIS A 114 -0.03 9.94 11.95
N ASP A 116 -2.26 7.54 11.82
CA ASP A 116 -3.62 7.29 12.34
C ASP A 116 -4.37 8.60 12.49
N GLU A 117 -3.67 9.64 12.95
CA GLU A 117 -4.31 10.93 13.14
C GLU A 117 -4.78 11.53 11.81
N VAL A 118 -3.93 11.44 10.80
CA VAL A 118 -4.26 12.03 9.52
C VAL A 118 -5.36 11.23 8.86
N ALA A 119 -5.21 9.89 8.84
CA ALA A 119 -6.16 9.04 8.14
C ALA A 119 -7.54 9.14 8.78
N SER A 120 -7.59 9.38 10.09
CA SER A 120 -8.85 9.40 10.82
C SER A 120 -9.42 10.80 11.01
N GLY A 121 -8.68 11.81 10.56
CA GLY A 121 -9.07 13.20 10.76
C GLY A 121 -9.73 13.83 9.54
N GLU A 122 -9.84 15.15 9.55
CA GLU A 122 -10.62 15.80 8.50
C GLU A 122 -9.94 15.67 7.13
N ILE A 123 -8.60 15.65 7.11
N ILE A 123 -8.60 15.65 7.11
CA ILE A 123 -7.90 15.43 5.85
CA ILE A 123 -7.89 15.42 5.86
C ILE A 123 -8.23 14.04 5.33
C ILE A 123 -8.23 14.03 5.33
N GLY A 124 -8.21 13.04 6.22
CA GLY A 124 -8.60 11.69 5.84
C GLY A 124 -10.02 11.62 5.29
N GLU A 125 -10.94 12.38 5.89
CA GLU A 125 -12.31 12.42 5.39
C GLU A 125 -12.38 12.98 3.98
N GLN A 126 -11.62 14.04 3.70
CA GLN A 126 -11.60 14.57 2.33
C GLN A 126 -11.07 13.57 1.32
N ILE A 127 -10.00 12.85 1.69
CA ILE A 127 -9.43 11.81 0.82
C ILE A 127 -10.47 10.73 0.55
N LYS A 128 -11.12 10.24 1.61
CA LYS A 128 -12.19 9.25 1.48
C LYS A 128 -13.29 9.71 0.54
N GLN A 129 -13.78 10.94 0.70
CA GLN A 129 -14.84 11.43 -0.16
C GLN A 129 -14.43 11.59 -1.62
N GLN A 130 -13.18 11.95 -1.87
CA GLN A 130 -12.74 12.08 -3.26
C GLN A 130 -12.59 10.72 -3.90
N ILE A 131 -12.14 9.73 -3.12
CA ILE A 131 -12.04 8.38 -3.66
C ILE A 131 -13.44 7.86 -4.02
N ILE A 132 -14.42 8.07 -3.15
CA ILE A 132 -15.79 7.68 -3.47
C ILE A 132 -16.29 8.35 -4.75
N GLU A 133 -16.07 9.66 -4.88
CA GLU A 133 -16.65 10.39 -5.97
C GLU A 133 -15.94 10.12 -7.30
N LYS A 134 -14.62 10.05 -7.26
CA LYS A 134 -13.82 10.02 -8.47
C LYS A 134 -13.40 8.61 -8.90
N ALA A 135 -13.28 7.70 -7.95
CA ALA A 135 -12.86 6.34 -8.23
C ALA A 135 -14.02 5.34 -8.07
N GLN A 136 -15.11 5.78 -7.45
CA GLN A 136 -16.29 4.94 -7.23
C GLN A 136 -15.95 3.72 -6.38
N VAL A 137 -15.04 3.94 -5.44
CA VAL A 137 -14.72 2.95 -4.41
C VAL A 137 -14.74 3.60 -3.05
N ARG A 138 -15.17 2.84 -2.05
CA ARG A 138 -15.39 3.35 -0.70
C ARG A 138 -14.44 2.71 0.31
N PRO A 139 -13.52 3.49 0.83
CA PRO A 139 -12.71 2.99 1.93
C PRO A 139 -13.55 2.70 3.17
N ILE A 140 -13.36 1.52 3.76
CA ILE A 140 -14.08 1.15 4.98
C ILE A 140 -13.17 0.89 6.19
N ALA A 141 -11.87 0.80 5.94
CA ALA A 141 -10.87 0.67 7.01
C ALA A 141 -9.53 1.06 6.43
N PHE A 142 -8.60 1.41 7.31
CA PHE A 142 -7.24 1.66 6.89
C PHE A 142 -6.26 0.85 7.68
N PHE A 143 -5.21 0.43 7.00
CA PHE A 143 -4.12 -0.34 7.61
C PHE A 143 -2.85 0.48 7.46
N ALA A 144 -2.23 0.85 8.57
CA ALA A 144 -0.90 1.48 8.52
C ALA A 144 0.13 0.45 8.13
N ARG A 145 1.19 0.90 7.47
CA ARG A 145 2.22 0.00 6.99
C ARG A 145 3.59 0.35 7.55
N GLY A 146 4.49 -0.64 7.53
CA GLY A 146 5.87 -0.34 7.78
C GLY A 146 6.51 0.45 6.65
N PRO A 147 7.70 1.03 6.89
CA PRO A 147 8.33 1.87 5.87
C PRO A 147 8.74 1.10 4.63
N ARG A 148 8.62 1.76 3.47
CA ARG A 148 9.13 1.18 2.25
C ARG A 148 10.64 1.29 2.26
N ASN A 149 11.30 0.24 1.77
CA ASN A 149 12.74 0.25 1.57
C ASN A 149 13.10 -0.16 0.15
N LEU A 150 14.21 0.37 -0.37
CA LEU A 150 14.73 0.03 -1.68
C LEU A 150 15.54 -1.26 -1.61
N THR A 151 15.20 -2.25 -2.44
CA THR A 151 16.00 -3.45 -2.55
C THR A 151 16.73 -3.41 -3.88
N SER A 152 17.84 -4.14 -3.97
CA SER A 152 18.75 -4.01 -5.09
C SER A 152 19.70 -5.18 -5.14
N GLN A 153 20.44 -5.27 -6.25
CA GLN A 153 21.53 -6.24 -6.43
C GLN A 153 22.89 -5.72 -5.99
N ARG A 154 23.00 -4.41 -5.79
CA ARG A 154 24.22 -3.81 -5.24
C ARG A 154 23.83 -2.76 -4.21
N PRO A 155 24.70 -2.52 -3.22
CA PRO A 155 24.26 -1.59 -2.18
C PRO A 155 24.05 -0.18 -2.72
N ILE A 156 23.01 0.45 -2.19
CA ILE A 156 22.70 1.82 -2.59
C ILE A 156 22.66 2.68 -1.33
N THR A 157 23.69 3.49 -1.12
CA THR A 157 23.83 4.24 0.13
C THR A 157 23.43 5.70 0.02
N SER A 158 23.26 6.19 -1.21
CA SER A 158 22.79 7.55 -1.42
C SER A 158 22.21 7.67 -2.82
N PRO A 159 21.50 8.77 -3.10
CA PRO A 159 20.96 8.94 -4.45
C PRO A 159 22.03 8.85 -5.53
N ALA A 160 23.22 9.38 -5.27
CA ALA A 160 24.32 9.34 -6.22
C ALA A 160 24.67 7.92 -6.65
N ASP A 161 24.35 6.95 -5.81
CA ASP A 161 24.62 5.56 -6.13
C ASP A 161 23.68 4.97 -7.19
N LEU A 162 22.51 5.57 -7.41
CA LEU A 162 21.54 4.99 -8.32
C LEU A 162 22.02 4.90 -9.76
N ASP A 163 22.51 6.02 -10.30
CA ASP A 163 23.23 6.02 -11.58
C ASP A 163 22.43 5.34 -12.69
N GLY A 164 21.13 5.64 -12.74
CA GLY A 164 20.28 5.11 -13.79
C GLY A 164 19.71 3.73 -13.56
N LYS A 166 17.78 0.50 -13.14
CA LYS A 166 16.42 0.11 -13.53
C LYS A 166 15.67 -0.48 -12.35
N ARG A 168 11.52 -1.11 -10.42
CA ARG A 168 10.08 -1.10 -10.48
C ARG A 168 9.50 -0.20 -9.41
N VAL A 169 8.43 0.51 -9.77
CA VAL A 169 7.54 1.16 -8.83
C VAL A 169 6.13 0.68 -9.16
N PRO A 170 5.20 0.79 -8.21
CA PRO A 170 3.78 0.56 -8.50
C PRO A 170 3.25 1.64 -9.43
N ASN A 171 1.97 1.55 -9.79
CA ASN A 171 1.34 2.50 -10.69
C ASN A 171 0.96 3.77 -9.94
N VAL A 172 2.00 4.49 -9.52
CA VAL A 172 1.87 5.65 -8.64
C VAL A 172 2.73 6.74 -9.25
N PRO A 173 2.11 7.69 -9.95
CA PRO A 173 2.84 8.75 -10.64
C PRO A 173 3.84 9.49 -9.75
N LEU A 174 3.51 9.75 -8.49
CA LEU A 174 4.43 10.49 -7.62
C LEU A 174 5.71 9.69 -7.41
N PHE A 175 5.60 8.36 -7.37
CA PHE A 175 6.79 7.51 -7.14
C PHE A 175 7.67 7.50 -8.40
N VAL A 176 7.05 7.50 -9.59
CA VAL A 176 7.83 7.64 -10.80
C VAL A 176 8.61 8.97 -10.75
N ASP A 177 7.91 10.05 -10.40
CA ASP A 177 8.52 11.37 -10.35
C ASP A 177 9.72 11.39 -9.41
N VAL A 178 9.53 10.86 -8.20
CA VAL A 178 10.54 10.95 -7.18
C VAL A 178 11.76 10.12 -7.51
N TRP A 179 11.54 8.87 -7.92
CA TRP A 179 12.67 7.99 -8.18
C TRP A 179 13.45 8.39 -9.41
N SER A 180 12.77 8.96 -10.40
N SER A 180 12.79 8.99 -10.39
CA SER A 180 13.45 9.50 -11.57
CA SER A 180 13.47 9.50 -11.56
C SER A 180 14.33 10.67 -11.16
C SER A 180 14.32 10.69 -11.19
N ALA A 181 13.78 11.58 -10.36
CA ALA A 181 14.52 12.74 -9.88
C ALA A 181 15.74 12.33 -9.06
N LEU A 182 15.62 11.25 -8.30
CA LEU A 182 16.73 10.75 -7.47
C LEU A 182 17.84 10.13 -8.31
N GLY A 183 17.56 9.81 -9.56
CA GLY A 183 18.59 9.30 -10.43
C GLY A 183 18.39 7.87 -10.92
N ALA A 184 17.28 7.24 -10.54
CA ALA A 184 16.99 5.90 -11.02
C ALA A 184 16.17 5.95 -12.31
N SER A 185 15.94 4.78 -12.91
CA SER A 185 15.04 4.65 -14.06
C SER A 185 13.86 3.76 -13.68
N PRO A 186 12.82 4.36 -13.07
CA PRO A 186 11.66 3.60 -12.59
C PRO A 186 10.65 3.24 -13.68
N THR A 187 10.13 2.02 -13.63
CA THR A 187 9.07 1.58 -14.55
C THR A 187 7.91 1.09 -13.71
N PRO A 188 6.70 1.58 -13.95
CA PRO A 188 5.56 1.03 -13.22
C PRO A 188 5.19 -0.37 -13.69
N ALA A 190 2.71 -4.02 -12.30
CA ALA A 190 1.91 -4.72 -11.32
C ALA A 190 2.80 -5.51 -10.37
N PHE A 191 2.37 -5.60 -9.13
CA PHE A 191 3.16 -6.25 -8.09
C PHE A 191 3.51 -7.71 -8.40
N SER A 192 2.54 -8.45 -8.91
CA SER A 192 2.73 -9.87 -9.18
C SER A 192 3.68 -10.14 -10.36
N GLU A 193 4.07 -9.11 -11.09
CA GLU A 193 5.05 -9.32 -12.16
C GLU A 193 6.49 -9.04 -11.73
N VAL A 194 6.68 -8.50 -10.52
CA VAL A 194 8.00 -8.02 -10.12
C VAL A 194 9.03 -9.14 -9.96
N PHE A 195 8.63 -10.24 -9.32
CA PHE A 195 9.57 -11.31 -9.07
C PHE A 195 10.25 -11.81 -10.34
N THR A 196 9.47 -12.14 -11.36
CA THR A 196 10.05 -12.68 -12.59
C THR A 196 10.88 -11.62 -13.34
N SER A 197 10.47 -10.37 -13.21
CA SER A 197 11.18 -9.27 -13.84
C SER A 197 12.58 -9.10 -13.23
N LEU A 198 12.65 -9.21 -11.91
CA LEU A 198 13.95 -9.22 -11.23
C LEU A 198 14.79 -10.43 -11.59
N GLN A 199 14.16 -11.60 -11.58
CA GLN A 199 14.85 -12.84 -11.91
C GLN A 199 15.45 -12.80 -13.30
N ASN A 200 14.74 -12.15 -14.23
CA ASN A 200 15.18 -12.11 -15.62
C ASN A 200 16.07 -10.92 -15.95
N GLY A 201 16.32 -10.07 -14.95
CA GLY A 201 17.24 -8.96 -15.10
C GLY A 201 16.68 -7.77 -15.86
N VAL A 202 15.37 -7.75 -16.07
CA VAL A 202 14.72 -6.64 -16.74
C VAL A 202 14.81 -5.40 -15.86
N ILE A 203 14.64 -5.60 -14.56
CA ILE A 203 14.86 -4.54 -13.58
C ILE A 203 15.85 -5.08 -12.58
N ASP A 204 16.48 -4.19 -11.84
CA ASP A 204 17.48 -4.59 -10.83
C ASP A 204 17.02 -4.37 -9.38
N GLY A 205 15.95 -3.61 -9.20
CA GLY A 205 15.47 -3.34 -7.85
C GLY A 205 14.00 -2.99 -7.80
N GLN A 206 13.50 -2.81 -6.59
CA GLN A 206 12.11 -2.39 -6.38
C GLN A 206 12.08 -1.79 -5.00
N GLU A 207 10.91 -1.40 -4.52
CA GLU A 207 10.85 -0.75 -3.23
C GLU A 207 9.52 -1.08 -2.59
N ASN A 208 9.56 -1.48 -1.33
CA ASN A 208 8.35 -1.94 -0.65
C ASN A 208 8.67 -2.13 0.81
N PRO A 209 7.64 -2.18 1.66
CA PRO A 209 7.88 -2.52 3.07
C PRO A 209 8.42 -3.94 3.22
N LEU A 210 9.10 -4.21 4.32
CA LEU A 210 9.62 -5.55 4.57
C LEU A 210 8.57 -6.66 4.50
N ALA A 211 7.33 -6.38 4.92
CA ALA A 211 6.30 -7.41 4.88
C ALA A 211 6.05 -7.90 3.47
N LEU A 212 6.10 -7.01 2.47
CA LEU A 212 5.86 -7.43 1.10
C LEU A 212 7.09 -8.01 0.44
N ILE A 213 8.29 -7.55 0.83
CA ILE A 213 9.51 -8.21 0.38
C ILE A 213 9.48 -9.67 0.80
N ARG A 214 9.05 -9.93 2.03
CA ARG A 214 8.87 -11.29 2.53
C ARG A 214 7.78 -12.03 1.77
N SER A 215 6.62 -11.37 1.61
CA SER A 215 5.45 -12.01 1.01
C SER A 215 5.77 -12.54 -0.37
N ALA A 216 6.48 -11.73 -1.14
CA ALA A 216 6.75 -12.06 -2.53
C ALA A 216 8.06 -12.79 -2.75
N ASN A 217 8.76 -13.13 -1.66
CA ASN A 217 10.01 -13.89 -1.74
C ASN A 217 11.10 -13.15 -2.53
N PHE A 218 11.13 -11.82 -2.42
CA PHE A 218 12.13 -11.02 -3.14
C PHE A 218 13.55 -11.34 -2.69
N ASN A 219 13.68 -11.95 -1.51
CA ASN A 219 14.98 -12.43 -1.05
C ASN A 219 15.64 -13.40 -2.03
N GLU A 220 14.85 -14.08 -2.86
CA GLU A 220 15.42 -15.02 -3.83
C GLU A 220 16.00 -14.33 -5.06
N VAL A 221 15.66 -13.06 -5.28
CA VAL A 221 16.06 -12.33 -6.49
C VAL A 221 16.64 -10.92 -6.19
N GLN A 222 16.94 -10.64 -4.93
CA GLN A 222 17.57 -9.38 -4.51
C GLN A 222 18.58 -9.68 -3.43
N GLY A 223 19.72 -9.00 -3.46
CA GLY A 223 20.76 -9.20 -2.46
C GLY A 223 20.72 -8.26 -1.26
N TYR A 224 20.17 -7.06 -1.45
CA TYR A 224 20.28 -5.99 -0.48
C TYR A 224 18.96 -5.34 -0.16
N VAL A 225 18.77 -5.02 1.11
CA VAL A 225 17.74 -4.11 1.55
C VAL A 225 18.42 -2.83 2.00
N ASN A 226 18.23 -1.77 1.23
CA ASN A 226 18.80 -0.48 1.57
C ASN A 226 17.79 0.28 2.41
N GLN A 227 18.18 0.64 3.62
CA GLN A 227 17.21 1.18 4.60
C GLN A 227 16.89 2.64 4.40
N THR A 228 16.30 2.93 3.25
CA THR A 228 15.89 4.27 2.85
C THR A 228 14.70 4.74 3.67
N GLU A 229 13.83 3.81 4.04
CA GLU A 229 12.62 4.13 4.82
C GLU A 229 11.95 5.37 4.24
N HIS A 230 11.74 5.35 2.94
CA HIS A 230 11.44 6.59 2.23
C HIS A 230 9.98 6.93 2.19
N VAL A 231 9.12 5.98 2.54
CA VAL A 231 7.69 6.22 2.59
C VAL A 231 7.11 5.42 3.75
N ARG A 232 6.42 6.12 4.65
N ARG A 232 6.45 6.11 4.67
CA ARG A 232 5.52 5.50 5.61
CA ARG A 232 5.52 5.48 5.61
C ARG A 232 4.10 5.82 5.14
C ARG A 232 4.10 5.82 5.13
N SER A 233 3.28 4.79 4.96
CA SER A 233 1.99 4.97 4.31
C SER A 233 0.90 4.13 4.97
N TRP A 234 -0.34 4.46 4.66
CA TRP A 234 -1.45 3.56 4.96
C TRP A 234 -2.11 3.15 3.66
N ILE A 235 -2.97 2.13 3.77
CA ILE A 235 -3.67 1.58 2.63
C ILE A 235 -5.10 1.31 3.09
N TYR A 236 -6.03 1.26 2.15
CA TYR A 236 -7.42 1.09 2.50
C TYR A 236 -7.93 -0.32 2.16
N LEU A 237 -8.80 -0.83 3.01
CA LEU A 237 -9.75 -1.87 2.60
C LEU A 237 -10.93 -1.15 1.96
N THR A 238 -11.30 -1.54 0.75
CA THR A 238 -12.32 -0.82 0.01
C THR A 238 -13.40 -1.73 -0.52
N ILE A 239 -14.58 -1.14 -0.71
CA ILE A 239 -15.71 -1.84 -1.31
C ILE A 239 -16.21 -0.98 -2.47
N ALA A 240 -16.63 -1.65 -3.53
CA ALA A 240 -17.12 -0.94 -4.70
C ALA A 240 -18.34 -0.13 -4.27
N GLU A 241 -18.36 1.13 -4.69
CA GLU A 241 -19.51 1.98 -4.35
C GLU A 241 -20.81 1.39 -4.88
N SER A 242 -20.78 0.68 -6.02
CA SER A 242 -21.99 0.07 -6.53
C SER A 242 -22.43 -1.13 -5.69
N THR A 243 -21.48 -1.80 -5.04
CA THR A 243 -21.84 -2.83 -4.09
C THR A 243 -22.42 -2.24 -2.80
N TRP A 244 -21.78 -1.19 -2.28
CA TRP A 244 -22.23 -0.51 -1.07
C TRP A 244 -23.66 -0.04 -1.25
N ALA A 245 -23.95 0.48 -2.44
CA ALA A 245 -25.25 1.05 -2.74
C ALA A 245 -26.39 0.04 -2.64
N LYS A 246 -26.09 -1.22 -2.90
CA LYS A 246 -27.10 -2.31 -2.91
C LYS A 246 -27.40 -2.82 -1.53
N LEU A 247 -26.54 -2.52 -0.56
CA LEU A 247 -26.72 -3.03 0.79
C LEU A 247 -27.75 -2.24 1.58
N SER A 248 -28.47 -2.93 2.44
CA SER A 248 -29.41 -2.28 3.38
C SER A 248 -28.59 -1.48 4.37
N GLU A 249 -29.24 -0.57 5.09
CA GLU A 249 -28.54 0.22 6.09
C GLU A 249 -27.95 -0.69 7.15
N ASP A 250 -28.71 -1.71 7.59
CA ASP A 250 -28.23 -2.65 8.58
C ASP A 250 -26.97 -3.39 8.09
N ASP A 251 -26.98 -3.81 6.83
CA ASP A 251 -25.81 -4.51 6.28
C ASP A 251 -24.62 -3.58 6.03
N GLN A 252 -24.87 -2.31 5.69
CA GLN A 252 -23.79 -1.32 5.64
C GLN A 252 -23.15 -1.20 7.02
N ASN A 253 -23.97 -1.11 8.05
CA ASN A 253 -23.45 -1.05 9.42
C ASN A 253 -22.61 -2.28 9.76
N ALA A 254 -23.07 -3.45 9.31
CA ALA A 254 -22.34 -4.70 9.57
C ALA A 254 -20.98 -4.69 8.89
N VAL A 255 -20.95 -4.23 7.64
CA VAL A 255 -19.69 -4.07 6.90
C VAL A 255 -18.72 -3.16 7.67
N GLN A 257 -18.72 -2.41 10.91
CA GLN A 257 -18.34 -3.05 12.16
C GLN A 257 -17.29 -4.15 11.93
N ALA A 258 -17.51 -4.97 10.91
CA ALA A 258 -16.57 -6.04 10.57
C ALA A 258 -15.24 -5.42 10.19
N ALA A 259 -15.28 -4.33 9.46
CA ALA A 259 -14.06 -3.67 9.00
C ALA A 259 -13.30 -3.09 10.17
N ALA A 260 -14.00 -2.52 11.15
CA ALA A 260 -13.36 -1.97 12.33
C ALA A 260 -12.67 -3.05 13.16
N THR A 261 -13.34 -4.21 13.28
CA THR A 261 -12.77 -5.33 14.00
C THR A 261 -11.53 -5.83 13.27
N ALA A 262 -11.62 -5.94 11.96
CA ALA A 262 -10.48 -6.37 11.17
C ALA A 262 -9.32 -5.40 11.26
N GLN A 263 -9.62 -4.11 11.31
CA GLN A 263 -8.56 -3.11 11.42
C GLN A 263 -7.79 -3.25 12.75
N GLU A 264 -8.51 -3.41 13.85
CA GLU A 264 -7.85 -3.56 15.15
C GLU A 264 -6.96 -4.81 15.15
N TYR A 265 -7.47 -5.89 14.57
CA TYR A 265 -6.76 -7.15 14.48
C TYR A 265 -5.49 -6.99 13.64
N GLU A 266 -5.63 -6.30 12.51
CA GLU A 266 -4.52 -6.13 11.55
C GLU A 266 -3.39 -5.31 12.17
N ARG A 267 -3.74 -4.34 13.01
CA ARG A 267 -2.69 -3.52 13.62
C ARG A 267 -1.80 -4.35 14.51
N GLY A 268 -2.39 -5.29 15.27
CA GLY A 268 -1.60 -6.21 16.07
C GLY A 268 -0.63 -7.04 15.23
N LEU A 269 -1.12 -7.48 14.08
CA LEU A 269 -0.32 -8.32 13.21
C LEU A 269 0.83 -7.51 12.59
N LEU A 270 0.55 -6.26 12.25
CA LEU A 270 1.57 -5.38 11.73
C LEU A 270 2.67 -5.22 12.78
N LEU A 271 2.29 -4.97 14.02
CA LEU A 271 3.26 -4.74 15.07
C LEU A 271 4.13 -5.99 15.28
N GLU A 272 3.49 -7.16 15.24
CA GLU A 272 4.24 -8.40 15.35
C GLU A 272 5.24 -8.50 14.23
N SER A 273 4.84 -8.11 13.01
CA SER A 273 5.70 -8.25 11.86
C SER A 273 6.90 -7.32 11.96
N LEU A 274 6.75 -6.17 12.62
CA LEU A 274 7.89 -5.26 12.78
C LEU A 274 8.94 -5.86 13.65
N ALA A 275 8.56 -6.77 14.55
CA ALA A 275 9.54 -7.41 15.41
C ALA A 275 10.32 -8.50 14.68
N GLU A 276 9.74 -9.06 13.63
CA GLU A 276 10.31 -10.28 13.07
C GLU A 276 10.79 -10.24 11.63
N ASP A 277 10.29 -9.33 10.81
CA ASP A 277 10.55 -9.45 9.37
C ASP A 277 12.00 -9.18 8.97
N ARG A 278 12.67 -8.24 9.61
CA ARG A 278 14.08 -8.03 9.29
C ARG A 278 14.92 -9.29 9.58
N GLY A 279 14.76 -9.84 10.78
CA GLY A 279 15.49 -11.04 11.15
C GLY A 279 15.25 -12.17 10.17
N TYR A 280 14.00 -12.29 9.72
CA TYR A 280 13.63 -13.36 8.80
C TYR A 280 14.36 -13.15 7.49
N LEU A 281 14.30 -11.94 6.97
CA LEU A 281 14.94 -11.67 5.68
C LEU A 281 16.46 -11.85 5.76
N GLU A 282 17.05 -11.51 6.89
CA GLU A 282 18.49 -11.72 7.07
C GLU A 282 18.79 -13.22 7.10
N SER A 283 17.89 -14.00 7.70
CA SER A 283 18.06 -15.45 7.74
C SER A 283 17.99 -16.05 6.33
N LYS A 284 17.34 -15.34 5.42
CA LYS A 284 17.22 -15.77 4.01
C LYS A 284 18.35 -15.20 3.15
N GLY A 285 19.32 -14.56 3.78
CA GLY A 285 20.52 -14.14 3.09
C GLY A 285 20.58 -12.68 2.66
N THR A 287 21.19 -8.73 2.89
CA THR A 287 22.07 -7.84 3.62
C THR A 287 21.39 -6.49 3.73
N PHE A 288 21.25 -6.02 4.95
CA PHE A 288 20.70 -4.72 5.21
C PHE A 288 21.81 -3.65 5.19
N VAL A 289 21.52 -2.57 4.48
CA VAL A 289 22.49 -1.51 4.22
C VAL A 289 22.01 -0.19 4.82
N GLU A 290 22.85 0.44 5.64
CA GLU A 290 22.53 1.78 6.13
C GLU A 290 22.85 2.81 5.06
N VAL A 291 21.96 3.80 4.93
CA VAL A 291 22.11 4.81 3.89
C VAL A 291 22.38 6.19 4.47
N ASP A 292 22.72 7.11 3.58
CA ASP A 292 22.85 8.51 3.92
C ASP A 292 21.44 9.10 3.91
N GLY A 293 20.76 9.01 5.05
CA GLY A 293 19.36 9.35 5.13
C GLY A 293 19.14 10.81 4.82
N ALA A 294 20.05 11.68 5.25
CA ALA A 294 19.91 13.11 5.03
C ALA A 294 19.89 13.41 3.54
N ALA A 295 20.79 12.75 2.81
CA ALA A 295 20.89 12.95 1.37
C ALA A 295 19.62 12.49 0.66
N PHE A 296 19.15 11.29 1.00
CA PHE A 296 17.91 10.79 0.40
C PHE A 296 16.74 11.69 0.75
N GLN A 297 16.67 12.11 2.00
CA GLN A 297 15.52 12.89 2.44
C GLN A 297 15.48 14.24 1.73
N ALA A 298 16.62 14.92 1.67
CA ALA A 298 16.68 16.23 1.06
C ALA A 298 16.30 16.18 -0.41
N ALA A 299 16.85 15.19 -1.11
CA ALA A 299 16.62 15.07 -2.54
C ALA A 299 15.16 14.68 -2.83
N ALA A 300 14.61 13.78 -2.02
CA ALA A 300 13.24 13.32 -2.23
C ALA A 300 12.24 14.41 -1.91
N LYS A 301 12.46 15.17 -0.85
CA LYS A 301 11.53 16.25 -0.52
C LYS A 301 11.52 17.30 -1.62
N ASP A 302 12.69 17.66 -2.13
CA ASP A 302 12.76 18.56 -3.29
C ASP A 302 11.94 18.03 -4.47
N ALA A 303 12.12 16.75 -4.80
CA ALA A 303 11.42 16.16 -5.92
C ALA A 303 9.91 16.13 -5.65
N VAL A 304 9.53 15.85 -4.42
CA VAL A 304 8.10 15.85 -4.09
C VAL A 304 7.52 17.23 -4.34
N LEU A 305 8.18 18.25 -3.82
CA LEU A 305 7.65 19.61 -3.94
C LEU A 305 7.57 20.07 -5.39
N ALA A 306 8.51 19.61 -6.21
CA ALA A 306 8.52 19.97 -7.64
C ALA A 306 7.39 19.26 -8.41
N ASN A 307 6.89 18.16 -7.88
CA ASN A 307 5.97 17.32 -8.63
C ASN A 307 4.58 17.15 -8.03
N VAL A 308 4.40 17.59 -6.79
CA VAL A 308 3.13 17.47 -6.11
C VAL A 308 2.04 18.31 -6.75
N SER A 309 0.84 17.76 -6.80
CA SER A 309 -0.30 18.47 -7.36
C SER A 309 -0.59 19.69 -6.49
N GLU A 310 -1.00 20.78 -7.12
CA GLU A 310 -1.32 22.01 -6.39
C GLU A 310 -2.40 21.74 -5.36
N GLU A 311 -3.28 20.79 -5.67
CA GLU A 311 -4.37 20.40 -4.80
C GLU A 311 -3.93 19.98 -3.39
N ILE A 312 -2.82 19.24 -3.29
CA ILE A 312 -2.36 18.78 -1.99
C ILE A 312 -1.09 19.49 -1.51
N ARG A 313 -0.54 20.40 -2.31
CA ARG A 313 0.73 21.06 -1.95
C ARG A 313 0.74 21.64 -0.53
N PRO A 314 -0.33 22.34 -0.13
CA PRO A 314 -0.29 22.96 1.20
C PRO A 314 -0.19 21.95 2.32
N ILE A 315 -0.77 20.77 2.13
CA ILE A 315 -0.76 19.74 3.16
C ILE A 315 0.66 19.19 3.23
N VAL A 316 1.27 18.97 2.07
CA VAL A 316 2.62 18.40 2.03
C VAL A 316 3.63 19.38 2.61
N GLU A 317 3.48 20.65 2.30
CA GLU A 317 4.37 21.68 2.87
C GLU A 317 4.26 21.71 4.39
N SER A 318 3.04 21.51 4.90
CA SER A 318 2.79 21.43 6.34
C SER A 318 3.50 20.23 6.94
N LEU A 319 3.34 19.07 6.31
CA LEU A 319 4.01 17.85 6.80
C LEU A 319 5.53 17.99 6.77
N PHE A 320 6.05 18.70 5.78
CA PHE A 320 7.50 18.84 5.62
C PHE A 320 8.05 19.92 6.54
N SER A 321 7.18 20.71 7.16
CA SER A 321 7.65 21.81 8.01
C SER A 321 8.17 21.32 9.36
#